data_4R6R
#
_entry.id   4R6R
#
_cell.length_a   58.440
_cell.length_b   80.250
_cell.length_c   62.970
_cell.angle_alpha   90.00
_cell.angle_beta   107.68
_cell.angle_gamma   90.00
#
_symmetry.space_group_name_H-M   'P 1 21 1'
#
loop_
_entity.id
_entity.type
_entity.pdbx_description
1 polymer 'Agglutinin alpha chain'
2 polymer 'Agglutinin beta-3 chain'
3 non-polymer '4-nitrophenyl beta-D-galactopyranoside'
4 non-polymer 1,2-ETHANEDIOL
5 non-polymer 'ISOPROPYL ALCOHOL'
6 water water
#
loop_
_entity_poly.entity_id
_entity_poly.type
_entity_poly.pdbx_seq_one_letter_code
_entity_poly.pdbx_strand_id
1 'polypeptide(L)'
;GKAFDDGAFTGIREINLSYNKETAIGDFQVVYDLNGSPYVGQNHKSFITGFTPVKISLDFPSEYIMEVSGYTGNVSGYVV
VRSLTFKTNKKTYGPYGVTSGTPFNLPIENGLIVGFKGSIGYWLDYFSMYLSL
;
A,C,E,G
2 'polypeptide(L)' EQSGISQTVIVGPWGAKVS B,D,F,H
#
loop_
_chem_comp.id
_chem_comp.type
_chem_comp.name
_chem_comp.formula
147 D-saccharide '4-nitrophenyl beta-D-galactopyranoside' 'C12 H15 N O8'
EDO non-polymer 1,2-ETHANEDIOL 'C2 H6 O2'
IPA non-polymer 'ISOPROPYL ALCOHOL' 'C3 H8 O'
#
# COMPACT_ATOMS: atom_id res chain seq x y z
N GLY A 1 -20.92 -1.71 -24.69
CA GLY A 1 -21.31 -2.77 -23.69
C GLY A 1 -21.66 -2.10 -22.39
N LYS A 2 -22.16 -2.89 -21.44
CA LYS A 2 -22.53 -2.37 -20.12
C LYS A 2 -21.29 -2.42 -19.18
N ALA A 3 -20.94 -1.26 -18.65
CA ALA A 3 -19.76 -1.19 -17.77
C ALA A 3 -20.10 -1.80 -16.44
N PHE A 4 -19.08 -2.35 -15.80
CA PHE A 4 -19.20 -2.86 -14.44
C PHE A 4 -17.90 -2.58 -13.71
N ASP A 5 -18.04 -2.46 -12.40
CA ASP A 5 -16.84 -2.21 -11.54
C ASP A 5 -17.14 -2.78 -10.19
N ASP A 6 -16.55 -3.94 -9.89
CA ASP A 6 -16.85 -4.60 -8.62
C ASP A 6 -16.26 -3.89 -7.43
N GLY A 7 -15.18 -3.16 -7.65
CA GLY A 7 -14.39 -2.50 -6.58
C GLY A 7 -13.31 -3.42 -6.12
N ALA A 8 -12.68 -3.00 -5.01
CA ALA A 8 -11.60 -3.79 -4.40
C ALA A 8 -12.00 -4.56 -3.12
N PHE A 9 -11.38 -5.73 -2.91
CA PHE A 9 -11.78 -6.64 -1.82
C PHE A 9 -10.52 -7.15 -1.18
N THR A 10 -10.61 -8.24 -0.40
CA THR A 10 -9.48 -8.87 0.40
C THR A 10 -8.87 -9.98 -0.42
N GLY A 11 -9.52 -10.52 -1.47
CA GLY A 11 -8.98 -11.65 -2.19
C GLY A 11 -10.08 -12.25 -3.04
N ILE A 12 -9.79 -13.40 -3.63
CA ILE A 12 -10.72 -14.05 -4.59
C ILE A 12 -10.98 -15.47 -4.15
N ARG A 13 -12.26 -15.80 -4.02
CA ARG A 13 -12.67 -17.18 -3.68
C ARG A 13 -13.09 -18.00 -4.89
N GLU A 14 -13.80 -17.42 -5.85
CA GLU A 14 -14.31 -18.19 -6.98
C GLU A 14 -14.59 -17.24 -8.12
N ILE A 15 -14.36 -17.75 -9.34
CA ILE A 15 -14.71 -16.96 -10.55
C ILE A 15 -15.69 -17.84 -11.33
N ASN A 16 -16.81 -17.25 -11.69
CA ASN A 16 -17.81 -17.92 -12.53
C ASN A 16 -17.91 -17.16 -13.86
N LEU A 17 -17.47 -17.78 -14.95
CA LEU A 17 -17.52 -17.09 -16.24
C LEU A 17 -18.10 -18.04 -17.27
N SER A 18 -18.53 -17.45 -18.38
CA SER A 18 -19.00 -18.29 -19.47
C SER A 18 -18.23 -17.94 -20.70
N TYR A 19 -18.18 -18.88 -21.67
CA TYR A 19 -17.42 -18.69 -22.88
C TYR A 19 -17.96 -19.53 -23.99
N ASN A 20 -17.56 -19.15 -25.21
CA ASN A 20 -17.96 -19.92 -26.41
C ASN A 20 -16.65 -20.24 -27.14
N LYS A 21 -16.50 -21.52 -27.56
CA LYS A 21 -15.31 -21.97 -28.19
C LYS A 21 -15.16 -21.48 -29.64
N GLU A 22 -16.12 -20.72 -30.15
CA GLU A 22 -15.98 -20.10 -31.43
C GLU A 22 -15.95 -18.62 -31.38
N THR A 23 -16.21 -18.02 -30.21
CA THR A 23 -16.22 -16.53 -30.19
C THR A 23 -15.30 -15.95 -29.13
N ALA A 24 -15.82 -15.84 -27.91
CA ALA A 24 -15.10 -15.05 -26.89
C ALA A 24 -15.73 -15.34 -25.50
N ILE A 25 -15.23 -14.60 -24.50
CA ILE A 25 -15.80 -14.65 -23.16
C ILE A 25 -17.12 -13.91 -23.13
N GLY A 26 -18.07 -14.49 -22.43
CA GLY A 26 -19.38 -13.97 -22.19
C GLY A 26 -19.58 -13.41 -20.78
N ASP A 27 -20.28 -14.15 -19.92
CA ASP A 27 -20.66 -13.62 -18.61
C ASP A 27 -19.41 -13.70 -17.68
N PHE A 28 -19.42 -12.83 -16.68
CA PHE A 28 -18.28 -12.83 -15.72
C PHE A 28 -18.83 -12.46 -14.38
N GLN A 29 -18.47 -13.25 -13.37
CA GLN A 29 -18.88 -13.00 -11.97
C GLN A 29 -17.82 -13.52 -11.03
N VAL A 30 -17.65 -12.82 -9.89
CA VAL A 30 -16.63 -13.22 -8.95
C VAL A 30 -17.17 -13.24 -7.53
N VAL A 31 -16.84 -14.32 -6.83
CA VAL A 31 -17.01 -14.33 -5.36
C VAL A 31 -15.67 -13.91 -4.73
N TYR A 32 -15.63 -12.72 -4.17
CA TYR A 32 -14.40 -12.26 -3.52
C TYR A 32 -14.40 -12.76 -2.11
N ASP A 33 -13.25 -12.55 -1.46
CA ASP A 33 -13.25 -12.53 0.01
C ASP A 33 -13.31 -11.06 0.48
N LEU A 34 -14.06 -10.81 1.51
CA LEU A 34 -14.12 -9.56 2.20
C LEU A 34 -13.92 -9.81 3.70
N ASN A 35 -12.70 -9.53 4.11
CA ASN A 35 -12.31 -9.71 5.54
C ASN A 35 -12.82 -11.03 6.08
N GLY A 36 -12.63 -12.08 5.28
CA GLY A 36 -12.90 -13.46 5.74
C GLY A 36 -14.28 -13.98 5.40
N SER A 37 -15.18 -13.16 4.85
CA SER A 37 -16.52 -13.55 4.42
C SER A 37 -16.59 -13.54 2.91
N PRO A 38 -17.25 -14.49 2.28
CA PRO A 38 -17.49 -14.44 0.82
C PRO A 38 -18.33 -13.23 0.46
N TYR A 39 -17.92 -12.50 -0.54
CA TYR A 39 -18.69 -11.38 -1.08
C TYR A 39 -19.11 -11.79 -2.45
N VAL A 40 -20.40 -11.98 -2.63
CA VAL A 40 -20.90 -12.48 -3.94
C VAL A 40 -21.07 -11.29 -4.90
N GLY A 41 -20.09 -11.09 -5.81
CA GLY A 41 -20.21 -10.08 -6.82
C GLY A 41 -21.44 -10.24 -7.71
N GLN A 42 -21.87 -9.13 -8.27
CA GLN A 42 -22.97 -9.23 -9.23
C GLN A 42 -22.54 -10.04 -10.44
N ASN A 43 -23.48 -10.76 -11.03
CA ASN A 43 -23.19 -11.52 -12.22
C ASN A 43 -23.31 -10.58 -13.42
N HIS A 44 -22.21 -10.38 -14.12
CA HIS A 44 -22.21 -9.42 -15.26
C HIS A 44 -22.44 -10.24 -16.48
N LYS A 45 -23.61 -10.03 -17.06
CA LYS A 45 -24.13 -10.93 -18.11
C LYS A 45 -23.96 -10.42 -19.48
N SER A 46 -23.57 -11.32 -20.39
CA SER A 46 -23.70 -11.01 -21.81
C SER A 46 -25.13 -10.68 -22.17
N PHE A 47 -25.24 -9.88 -23.23
CA PHE A 47 -26.56 -9.59 -23.88
C PHE A 47 -27.08 -10.79 -24.64
N ILE A 48 -26.26 -11.80 -24.90
CA ILE A 48 -26.65 -13.00 -25.65
C ILE A 48 -26.50 -14.30 -24.88
N THR A 49 -27.14 -15.37 -25.32
CA THR A 49 -27.04 -16.64 -24.62
C THR A 49 -26.28 -17.56 -25.51
N GLY A 50 -26.08 -18.79 -25.05
CA GLY A 50 -25.38 -19.80 -25.84
C GLY A 50 -23.94 -20.09 -25.35
N PHE A 51 -23.60 -19.53 -24.19
CA PHE A 51 -22.26 -19.75 -23.64
C PHE A 51 -22.17 -21.01 -22.75
N THR A 52 -20.97 -21.55 -22.60
CA THR A 52 -20.69 -22.64 -21.65
C THR A 52 -20.20 -22.07 -20.32
N PRO A 53 -20.88 -22.35 -19.23
CA PRO A 53 -20.38 -21.85 -17.93
C PRO A 53 -19.27 -22.70 -17.35
N VAL A 54 -18.39 -22.02 -16.63
CA VAL A 54 -17.35 -22.73 -15.88
C VAL A 54 -17.19 -22.07 -14.50
N LYS A 55 -16.98 -22.93 -13.48
CA LYS A 55 -16.85 -22.43 -12.10
C LYS A 55 -15.42 -22.72 -11.68
N ILE A 56 -14.66 -21.67 -11.35
CA ILE A 56 -13.27 -21.83 -10.89
C ILE A 56 -13.32 -21.57 -9.41
N SER A 57 -13.27 -22.64 -8.63
CA SER A 57 -13.38 -22.56 -7.21
C SER A 57 -12.01 -22.69 -6.58
N LEU A 58 -11.47 -21.59 -6.04
CA LEU A 58 -10.11 -21.61 -5.53
C LEU A 58 -10.09 -22.05 -4.09
N ASP A 59 -8.99 -22.70 -3.70
CA ASP A 59 -8.85 -23.14 -2.30
C ASP A 59 -8.31 -21.93 -1.49
N PHE A 60 -9.15 -20.90 -1.34
CA PHE A 60 -8.75 -19.68 -0.65
C PHE A 60 -8.63 -20.02 0.85
N PRO A 61 -7.61 -19.50 1.53
CA PRO A 61 -6.61 -18.54 1.09
C PRO A 61 -5.28 -19.10 0.63
N SER A 62 -5.10 -20.42 0.62
CA SER A 62 -3.78 -20.91 0.24
C SER A 62 -3.53 -20.87 -1.26
N GLU A 63 -4.63 -20.92 -2.01
CA GLU A 63 -4.58 -20.85 -3.50
C GLU A 63 -4.93 -19.44 -4.00
N TYR A 64 -4.08 -18.86 -4.86
CA TYR A 64 -4.36 -17.52 -5.36
C TYR A 64 -3.78 -17.42 -6.76
N ILE A 65 -4.39 -16.49 -7.52
CA ILE A 65 -3.98 -16.25 -8.94
C ILE A 65 -2.58 -15.58 -8.99
N MET A 66 -1.74 -16.15 -9.83
CA MET A 66 -0.38 -15.64 -10.11
C MET A 66 -0.25 -15.02 -11.48
N GLU A 67 -1.13 -15.38 -12.42
CA GLU A 67 -1.04 -14.80 -13.76
C GLU A 67 -2.41 -14.88 -14.39
N VAL A 68 -2.85 -13.76 -14.98
CA VAL A 68 -4.02 -13.79 -15.87
C VAL A 68 -3.52 -13.56 -17.24
N SER A 69 -3.92 -14.38 -18.21
CA SER A 69 -3.47 -14.11 -19.60
C SER A 69 -4.64 -14.42 -20.53
N GLY A 70 -4.47 -14.03 -21.78
CA GLY A 70 -5.58 -14.28 -22.73
C GLY A 70 -5.26 -13.63 -24.05
N TYR A 71 -6.31 -13.52 -24.85
CA TYR A 71 -6.24 -12.90 -26.16
C TYR A 71 -7.31 -11.92 -26.37
N THR A 72 -7.01 -10.83 -27.10
CA THR A 72 -8.05 -9.90 -27.54
C THR A 72 -8.12 -9.91 -29.06
N GLY A 73 -9.29 -9.66 -29.61
CA GLY A 73 -9.36 -9.71 -31.04
C GLY A 73 -10.77 -9.49 -31.52
N ASN A 74 -10.93 -9.58 -32.83
CA ASN A 74 -12.20 -9.30 -33.52
C ASN A 74 -13.21 -10.38 -33.35
N VAL A 75 -14.40 -9.99 -32.91
CA VAL A 75 -15.58 -10.82 -33.08
C VAL A 75 -16.71 -9.90 -33.56
N SER A 76 -17.33 -10.23 -34.71
CA SER A 76 -18.48 -9.45 -35.27
C SER A 76 -18.08 -7.97 -35.44
N GLY A 77 -16.78 -7.76 -35.63
CA GLY A 77 -16.22 -6.41 -35.84
C GLY A 77 -16.04 -5.56 -34.57
N TYR A 78 -16.01 -6.23 -33.43
CA TYR A 78 -15.75 -5.56 -32.14
C TYR A 78 -14.46 -6.19 -31.62
N VAL A 79 -13.63 -5.35 -31.01
CA VAL A 79 -12.46 -5.92 -30.30
C VAL A 79 -12.91 -6.35 -28.91
N VAL A 80 -12.73 -7.63 -28.61
CA VAL A 80 -13.25 -8.22 -27.33
C VAL A 80 -12.17 -9.13 -26.73
N VAL A 81 -12.38 -9.57 -25.47
CA VAL A 81 -11.51 -10.50 -24.84
C VAL A 81 -11.98 -11.89 -25.30
N ARG A 82 -11.21 -12.46 -26.22
CA ARG A 82 -11.53 -13.75 -26.82
C ARG A 82 -11.21 -14.95 -25.92
N SER A 83 -10.18 -14.88 -25.04
CA SER A 83 -9.90 -15.97 -24.15
C SER A 83 -9.30 -15.42 -22.88
N LEU A 84 -9.45 -16.22 -21.85
CA LEU A 84 -8.78 -16.00 -20.53
C LEU A 84 -8.24 -17.30 -20.03
N THR A 85 -7.09 -17.18 -19.38
CA THR A 85 -6.49 -18.28 -18.59
C THR A 85 -6.06 -17.74 -17.25
N PHE A 86 -6.39 -18.47 -16.21
CA PHE A 86 -5.99 -18.11 -14.84
C PHE A 86 -5.01 -19.14 -14.29
N LYS A 87 -3.77 -18.70 -14.02
CA LYS A 87 -2.81 -19.61 -13.43
C LYS A 87 -2.70 -19.26 -11.97
N THR A 88 -2.83 -20.25 -11.05
CA THR A 88 -2.64 -20.01 -9.63
C THR A 88 -1.38 -20.73 -9.21
N ASN A 89 -1.08 -20.60 -7.92
CA ASN A 89 0.07 -21.33 -7.34
C ASN A 89 -0.15 -22.82 -7.34
N LYS A 90 -1.36 -23.30 -7.61
CA LYS A 90 -1.67 -24.72 -7.56
C LYS A 90 -1.94 -25.33 -8.91
N LYS A 91 -2.58 -24.61 -9.83
CA LYS A 91 -2.86 -25.16 -11.15
C LYS A 91 -3.33 -24.11 -12.14
N THR A 92 -3.62 -24.51 -13.36
CA THR A 92 -3.99 -23.55 -14.45
C THR A 92 -5.41 -23.91 -14.79
N TYR A 93 -6.23 -22.85 -14.95
CA TYR A 93 -7.63 -22.97 -15.34
C TYR A 93 -7.76 -22.26 -16.68
N GLY A 94 -8.15 -23.01 -17.73
CA GLY A 94 -8.30 -22.48 -19.07
C GLY A 94 -7.14 -22.99 -19.97
N PRO A 95 -7.04 -22.48 -21.18
CA PRO A 95 -7.83 -21.36 -21.68
C PRO A 95 -9.30 -21.63 -21.94
N TYR A 96 -10.06 -20.61 -21.64
CA TYR A 96 -11.53 -20.55 -21.96
C TYR A 96 -11.72 -19.58 -23.09
N GLY A 97 -12.48 -19.95 -24.13
CA GLY A 97 -12.77 -19.05 -25.26
C GLY A 97 -11.93 -19.46 -26.45
N VAL A 98 -11.46 -18.50 -27.20
CA VAL A 98 -10.71 -18.74 -28.41
C VAL A 98 -9.34 -18.09 -28.29
N THR A 99 -8.31 -18.91 -28.43
CA THR A 99 -6.95 -18.36 -28.28
C THR A 99 -6.39 -17.81 -29.58
N SER A 100 -7.03 -16.75 -30.04
CA SER A 100 -6.69 -16.12 -31.30
C SER A 100 -6.71 -14.65 -31.12
N GLY A 101 -5.78 -14.02 -31.82
CA GLY A 101 -5.69 -12.58 -31.91
C GLY A 101 -4.42 -12.09 -31.26
N THR A 102 -4.53 -11.05 -30.44
CA THR A 102 -3.34 -10.41 -29.80
C THR A 102 -3.25 -10.92 -28.36
N PRO A 103 -2.14 -11.58 -27.98
CA PRO A 103 -2.00 -12.03 -26.61
C PRO A 103 -1.77 -10.86 -25.67
N PHE A 104 -2.21 -11.08 -24.42
CA PHE A 104 -1.82 -10.24 -23.26
C PHE A 104 -1.57 -11.14 -22.09
N ASN A 105 -0.78 -10.60 -21.16
CA ASN A 105 -0.54 -11.31 -19.91
C ASN A 105 -0.18 -10.37 -18.77
N LEU A 106 -0.78 -10.67 -17.63
CA LEU A 106 -0.44 -9.97 -16.39
C LEU A 106 0.04 -11.03 -15.42
N PRO A 107 1.35 -11.31 -15.36
CA PRO A 107 1.98 -12.15 -14.32
C PRO A 107 2.26 -11.26 -13.09
N ILE A 108 2.08 -11.86 -11.92
CA ILE A 108 2.30 -11.15 -10.64
C ILE A 108 3.42 -11.84 -9.89
N GLU A 109 4.51 -11.12 -9.61
CA GLU A 109 5.56 -11.65 -8.73
C GLU A 109 5.27 -11.41 -7.28
N ASN A 110 4.63 -10.28 -6.97
CA ASN A 110 4.24 -10.02 -5.60
C ASN A 110 3.01 -9.19 -5.56
N GLY A 111 2.04 -9.70 -4.79
CA GLY A 111 0.77 -8.98 -4.71
C GLY A 111 -0.35 -9.92 -5.14
N LEU A 112 -1.59 -9.36 -5.08
CA LEU A 112 -2.82 -10.12 -5.26
C LEU A 112 -3.79 -9.27 -6.13
N ILE A 113 -4.56 -10.01 -6.98
CA ILE A 113 -5.71 -9.41 -7.65
C ILE A 113 -6.84 -9.38 -6.63
N VAL A 114 -7.41 -8.21 -6.45
CA VAL A 114 -8.48 -7.98 -5.45
C VAL A 114 -9.77 -7.40 -6.00
N GLY A 115 -9.91 -7.31 -7.34
CA GLY A 115 -11.08 -6.69 -7.90
C GLY A 115 -10.98 -6.70 -9.39
N PHE A 116 -12.16 -6.68 -10.02
CA PHE A 116 -12.28 -6.57 -11.50
C PHE A 116 -13.25 -5.46 -11.85
N LYS A 117 -12.98 -4.83 -12.99
CA LYS A 117 -13.94 -3.90 -13.58
C LYS A 117 -13.79 -4.12 -15.09
N GLY A 118 -14.79 -3.63 -15.84
CA GLY A 118 -14.73 -3.86 -17.27
C GLY A 118 -16.02 -3.49 -17.94
N SER A 119 -16.29 -4.14 -19.08
CA SER A 119 -17.55 -3.87 -19.79
C SER A 119 -17.89 -5.13 -20.58
N ILE A 120 -19.20 -5.50 -20.58
CA ILE A 120 -19.65 -6.67 -21.34
C ILE A 120 -20.86 -6.20 -22.17
N GLY A 121 -20.74 -6.52 -23.46
CA GLY A 121 -21.86 -6.30 -24.41
C GLY A 121 -22.33 -7.69 -24.86
N TYR A 122 -22.21 -8.03 -26.16
CA TYR A 122 -22.37 -9.45 -26.55
C TYR A 122 -21.26 -10.28 -25.86
N TRP A 123 -20.07 -9.67 -25.84
CA TRP A 123 -18.88 -10.35 -25.22
C TRP A 123 -18.22 -9.38 -24.22
N LEU A 124 -17.28 -9.94 -23.43
CA LEU A 124 -16.43 -9.13 -22.56
C LEU A 124 -15.59 -8.23 -23.48
N ASP A 125 -15.83 -6.94 -23.35
CA ASP A 125 -15.16 -5.96 -24.20
C ASP A 125 -13.77 -5.65 -23.73
N TYR A 126 -13.63 -5.47 -22.39
CA TYR A 126 -12.34 -5.10 -21.84
C TYR A 126 -12.50 -5.35 -20.36
N PHE A 127 -11.34 -5.39 -19.69
CA PHE A 127 -11.36 -5.45 -18.22
C PHE A 127 -10.05 -4.92 -17.67
N SER A 128 -10.14 -4.52 -16.40
CA SER A 128 -8.96 -4.12 -15.62
C SER A 128 -9.00 -4.86 -14.29
N MET A 129 -7.88 -4.84 -13.56
CA MET A 129 -7.75 -5.54 -12.29
C MET A 129 -7.18 -4.59 -11.22
N TYR A 130 -7.81 -4.63 -10.06
CA TYR A 130 -7.29 -3.96 -8.87
C TYR A 130 -6.28 -4.89 -8.30
N LEU A 131 -5.08 -4.33 -7.92
CA LEU A 131 -4.01 -5.13 -7.28
C LEU A 131 -3.68 -4.53 -5.92
N SER A 132 -3.34 -5.44 -4.99
CA SER A 132 -2.94 -5.00 -3.65
C SER A 132 -1.97 -5.96 -3.06
N LEU A 133 -1.29 -5.52 -2.00
CA LEU A 133 -0.61 -6.46 -1.16
C LEU A 133 -1.74 -6.79 -0.21
N GLU B 1 -4.09 17.29 -0.34
CA GLU B 1 -5.32 17.03 0.48
C GLU B 1 -6.08 15.79 0.01
N GLN B 2 -5.94 14.70 0.77
CA GLN B 2 -6.69 13.47 0.49
C GLN B 2 -8.21 13.63 0.64
N SER B 3 -8.94 12.72 0.03
CA SER B 3 -10.31 12.53 0.38
C SER B 3 -10.36 11.32 1.30
N GLY B 4 -11.57 11.01 1.73
CA GLY B 4 -11.74 9.89 2.63
C GLY B 4 -11.92 8.55 1.94
N ILE B 5 -11.68 8.48 0.62
CA ILE B 5 -11.81 7.21 -0.15
C ILE B 5 -10.43 6.58 -0.33
N SER B 6 -10.26 5.35 0.18
CA SER B 6 -9.02 4.59 -0.02
C SER B 6 -8.81 4.25 -1.51
N GLN B 7 -7.56 4.29 -1.92
CA GLN B 7 -7.09 4.09 -3.32
C GLN B 7 -6.46 2.71 -3.41
N THR B 8 -6.52 2.15 -4.64
CA THR B 8 -5.88 0.90 -4.93
C THR B 8 -5.17 0.98 -6.32
N VAL B 9 -4.04 0.28 -6.49
CA VAL B 9 -3.46 0.12 -7.87
C VAL B 9 -4.43 -0.58 -8.82
N ILE B 10 -4.57 -0.03 -10.04
CA ILE B 10 -5.39 -0.73 -11.04
C ILE B 10 -4.57 -0.85 -12.31
N VAL B 11 -4.48 -2.07 -12.87
CA VAL B 11 -3.79 -2.29 -14.14
C VAL B 11 -4.86 -2.64 -15.19
N GLY B 12 -4.58 -2.22 -16.41
CA GLY B 12 -5.50 -2.47 -17.54
C GLY B 12 -5.87 -1.15 -18.14
N PRO B 13 -6.86 -1.08 -19.05
CA PRO B 13 -7.63 -2.23 -19.47
C PRO B 13 -6.97 -3.00 -20.59
N TRP B 14 -7.33 -4.28 -20.70
CA TRP B 14 -7.07 -5.08 -21.90
C TRP B 14 -8.39 -5.30 -22.62
N GLY B 15 -8.33 -5.19 -23.96
CA GLY B 15 -9.48 -5.36 -24.81
C GLY B 15 -9.75 -4.14 -25.64
N ALA B 16 -11.02 -3.86 -25.87
CA ALA B 16 -11.40 -2.72 -26.67
C ALA B 16 -10.91 -1.42 -26.01
N LYS B 17 -10.48 -0.46 -26.80
CA LYS B 17 -10.09 0.79 -26.18
C LYS B 17 -11.23 1.78 -26.15
N GLY C 1 22.68 -14.33 -18.56
CA GLY C 1 22.20 -12.96 -18.24
C GLY C 1 22.52 -12.64 -16.80
N LYS C 2 22.86 -11.39 -16.55
CA LYS C 2 23.08 -10.96 -15.19
C LYS C 2 21.70 -10.41 -14.70
N ALA C 3 21.19 -10.99 -13.60
CA ALA C 3 20.01 -10.43 -12.96
C ALA C 3 20.25 -9.08 -12.36
N PHE C 4 19.24 -8.22 -12.41
CA PHE C 4 19.28 -6.97 -11.73
C PHE C 4 17.98 -6.75 -11.00
N ASP C 5 18.03 -5.92 -9.97
CA ASP C 5 16.79 -5.60 -9.24
C ASP C 5 16.99 -4.26 -8.56
N ASP C 6 16.41 -3.19 -9.09
CA ASP C 6 16.68 -1.85 -8.58
C ASP C 6 15.95 -1.68 -7.25
N GLY C 7 14.88 -2.44 -7.03
CA GLY C 7 14.01 -2.15 -5.93
C GLY C 7 13.06 -1.01 -6.20
N ALA C 8 12.41 -0.50 -5.16
CA ALA C 8 11.37 0.49 -5.27
C ALA C 8 11.82 1.83 -4.78
N PHE C 9 11.36 2.84 -5.48
CA PHE C 9 11.67 4.24 -5.24
C PHE C 9 10.39 5.10 -5.19
N THR C 10 10.49 6.42 -5.23
CA THR C 10 9.32 7.32 -5.18
C THR C 10 8.72 7.65 -6.54
N GLY C 11 9.45 7.42 -7.65
CA GLY C 11 8.91 7.83 -8.97
C GLY C 11 10.13 7.73 -9.92
N ILE C 12 9.89 8.13 -11.18
CA ILE C 12 10.93 7.99 -12.21
C ILE C 12 11.20 9.37 -12.80
N ARG C 13 12.49 9.75 -12.86
CA ARG C 13 12.84 11.01 -13.50
C ARG C 13 13.39 10.82 -14.91
N GLU C 14 14.10 9.75 -15.18
CA GLU C 14 14.73 9.58 -16.49
C GLU C 14 14.96 8.13 -16.76
N ILE C 15 14.79 7.73 -18.02
CA ILE C 15 15.14 6.35 -18.44
C ILE C 15 16.23 6.42 -19.48
N ASN C 16 17.34 5.74 -19.24
CA ASN C 16 18.42 5.66 -20.25
C ASN C 16 18.43 4.24 -20.79
N LEU C 17 18.24 4.06 -22.09
CA LEU C 17 18.34 2.69 -22.58
C LEU C 17 19.17 2.71 -23.85
N SER C 18 19.50 1.56 -24.37
CA SER C 18 20.12 1.54 -25.69
C SER C 18 19.53 0.39 -26.48
N TYR C 19 19.63 0.45 -27.81
CA TYR C 19 19.00 -0.52 -28.66
C TYR C 19 19.81 -0.61 -29.95
N ASN C 20 19.51 -1.61 -30.75
CA ASN C 20 20.12 -1.73 -32.07
C ASN C 20 19.00 -2.28 -32.95
N LYS C 21 18.72 -1.63 -34.08
CA LYS C 21 17.64 -2.07 -34.96
C LYS C 21 17.99 -3.39 -35.71
N GLU C 22 19.26 -3.79 -35.73
CA GLU C 22 19.65 -5.16 -36.15
C GLU C 22 19.08 -6.20 -35.10
N THR C 23 19.06 -5.82 -33.81
CA THR C 23 18.93 -6.83 -32.75
C THR C 23 17.82 -6.49 -31.72
N ALA C 24 18.16 -5.90 -30.56
CA ALA C 24 17.17 -5.77 -29.49
C ALA C 24 17.66 -4.70 -28.49
N ILE C 25 16.94 -4.56 -27.37
CA ILE C 25 17.33 -3.66 -26.30
C ILE C 25 18.62 -4.14 -25.64
N GLY C 26 19.59 -3.25 -25.42
CA GLY C 26 20.84 -3.63 -24.77
C GLY C 26 21.03 -3.24 -23.35
N ASP C 27 21.04 -1.96 -23.06
CA ASP C 27 21.36 -1.49 -21.71
C ASP C 27 20.17 -0.77 -21.13
N PHE C 28 20.12 -0.62 -19.82
CA PHE C 28 19.01 -0.02 -19.17
C PHE C 28 19.45 0.63 -17.87
N GLN C 29 19.14 1.89 -17.64
CA GLN C 29 19.53 2.55 -16.37
C GLN C 29 18.45 3.60 -16.13
N VAL C 30 17.95 3.64 -14.90
CA VAL C 30 16.92 4.60 -14.54
C VAL C 30 17.43 5.60 -13.55
N VAL C 31 17.08 6.88 -13.73
CA VAL C 31 17.27 7.87 -12.69
C VAL C 31 15.90 7.96 -11.98
N TYR C 32 15.84 7.47 -10.76
CA TYR C 32 14.62 7.49 -9.97
C TYR C 32 14.43 8.80 -9.22
N ASP C 33 13.22 9.05 -8.76
CA ASP C 33 13.05 10.02 -7.70
C ASP C 33 13.11 9.25 -6.39
N LEU C 34 13.76 9.82 -5.36
CA LEU C 34 13.74 9.22 -4.04
C LEU C 34 13.44 10.39 -3.09
N ASN C 35 12.19 10.48 -2.70
CA ASN C 35 11.68 11.46 -1.73
C ASN C 35 11.98 12.88 -2.20
N GLY C 36 11.73 13.13 -3.50
CA GLY C 36 11.86 14.45 -4.14
C GLY C 36 13.28 14.81 -4.61
N SER C 37 14.21 13.90 -4.47
CA SER C 37 15.61 14.10 -4.95
C SER C 37 16.03 13.02 -5.97
N PRO C 38 16.93 13.31 -6.92
CA PRO C 38 17.28 12.25 -7.88
C PRO C 38 18.15 11.19 -7.25
N TYR C 39 17.91 9.96 -7.65
CA TYR C 39 18.71 8.85 -7.24
C TYR C 39 19.14 8.13 -8.52
N VAL C 40 20.45 8.10 -8.79
CA VAL C 40 20.91 7.53 -10.05
C VAL C 40 21.00 6.03 -9.91
N GLY C 41 20.19 5.25 -10.66
CA GLY C 41 20.23 3.82 -10.42
C GLY C 41 21.44 3.16 -11.02
N GLN C 42 21.67 1.91 -10.67
CA GLN C 42 22.72 1.16 -11.30
C GLN C 42 22.56 1.12 -12.81
N ASN C 43 23.65 1.07 -13.57
CA ASN C 43 23.53 1.03 -15.00
C ASN C 43 23.65 -0.47 -15.38
N HIS C 44 22.59 -1.06 -15.94
CA HIS C 44 22.55 -2.46 -16.32
C HIS C 44 22.96 -2.64 -17.74
N LYS C 45 24.17 -3.13 -17.96
CA LYS C 45 24.77 -3.10 -19.30
C LYS C 45 24.80 -4.48 -19.89
N SER C 46 24.59 -4.57 -21.20
CA SER C 46 24.81 -5.74 -21.96
C SER C 46 26.28 -6.24 -21.87
N PHE C 47 26.43 -7.55 -22.07
CA PHE C 47 27.74 -8.19 -22.19
C PHE C 47 28.50 -7.67 -23.41
N ILE C 48 27.77 -7.19 -24.40
CA ILE C 48 28.34 -6.64 -25.67
C ILE C 48 28.06 -5.16 -25.81
N THR C 49 28.73 -4.54 -26.76
CA THR C 49 28.57 -3.11 -27.00
C THR C 49 28.28 -2.88 -28.52
N GLY C 50 27.97 -1.64 -28.87
CA GLY C 50 27.58 -1.27 -30.21
C GLY C 50 26.18 -0.73 -30.33
N PHE C 51 25.49 -0.54 -29.20
CA PHE C 51 24.10 -0.07 -29.17
C PHE C 51 24.01 1.43 -29.25
N THR C 52 22.86 1.95 -29.71
CA THR C 52 22.61 3.39 -29.78
C THR C 52 21.89 3.86 -28.49
N PRO C 53 22.51 4.79 -27.75
CA PRO C 53 21.89 5.23 -26.51
C PRO C 53 20.73 6.19 -26.76
N VAL C 54 19.73 6.10 -25.84
CA VAL C 54 18.64 7.05 -25.79
C VAL C 54 18.41 7.48 -24.37
N LYS C 55 18.08 8.74 -24.21
CA LYS C 55 17.77 9.26 -22.88
C LYS C 55 16.33 9.79 -22.95
N ILE C 56 15.45 9.27 -22.07
CA ILE C 56 14.09 9.77 -21.95
C ILE C 56 14.02 10.61 -20.65
N SER C 57 13.99 11.94 -20.78
CA SER C 57 13.97 12.80 -19.60
C SER C 57 12.57 13.23 -19.36
N LEU C 58 12.00 12.73 -18.29
CA LEU C 58 10.59 13.03 -17.99
C LEU C 58 10.46 14.33 -17.19
N ASP C 59 9.37 15.04 -17.43
CA ASP C 59 9.11 16.27 -16.68
C ASP C 59 8.45 15.89 -15.34
N PHE C 60 9.24 15.22 -14.49
CA PHE C 60 8.85 14.83 -13.14
C PHE C 60 8.65 16.08 -12.28
N PRO C 61 7.62 16.08 -11.42
CA PRO C 61 6.65 15.06 -11.16
C PRO C 61 5.36 15.12 -11.99
N SER C 62 5.18 16.07 -12.92
CA SER C 62 3.91 16.15 -13.61
C SER C 62 3.75 15.05 -14.67
N GLU C 63 4.87 14.58 -15.20
CA GLU C 63 4.85 13.61 -16.28
C GLU C 63 5.27 12.26 -15.68
N TYR C 64 4.50 11.25 -16.03
CA TYR C 64 4.72 9.88 -15.51
C TYR C 64 4.26 8.84 -16.55
N ILE C 65 4.80 7.66 -16.54
CA ILE C 65 4.50 6.58 -17.46
C ILE C 65 3.14 5.97 -17.15
N MET C 66 2.28 5.87 -18.20
CA MET C 66 1.00 5.22 -18.05
C MET C 66 0.90 3.85 -18.70
N GLU C 67 1.83 3.55 -19.63
CA GLU C 67 1.83 2.25 -20.26
C GLU C 67 3.20 1.93 -20.79
N VAL C 68 3.63 0.70 -20.54
CA VAL C 68 4.89 0.20 -21.11
C VAL C 68 4.51 -0.95 -22.06
N SER C 69 5.05 -0.91 -23.27
CA SER C 69 4.74 -1.99 -24.20
C SER C 69 6.00 -2.36 -24.96
N GLY C 70 5.96 -3.54 -25.58
CA GLY C 70 7.04 -3.86 -26.43
C GLY C 70 6.80 -5.16 -27.15
N TYR C 71 7.90 -5.66 -27.70
CA TYR C 71 7.86 -6.93 -28.41
C TYR C 71 8.97 -7.83 -27.94
N THR C 72 8.67 -9.12 -27.79
CA THR C 72 9.71 -10.14 -27.56
C THR C 72 9.91 -10.99 -28.80
N GLY C 73 11.17 -11.33 -29.08
CA GLY C 73 11.43 -12.19 -30.24
C GLY C 73 12.80 -12.77 -30.18
N ASN C 74 13.09 -13.64 -31.14
CA ASN C 74 14.34 -14.39 -31.11
C ASN C 74 15.44 -13.60 -31.83
N VAL C 75 16.58 -13.43 -31.17
CA VAL C 75 17.72 -12.78 -31.79
C VAL C 75 18.89 -13.71 -31.58
N SER C 76 19.38 -14.27 -32.69
CA SER C 76 20.58 -15.15 -32.66
C SER C 76 20.43 -16.30 -31.68
N GLY C 77 19.20 -16.82 -31.55
CA GLY C 77 18.93 -17.94 -30.65
C GLY C 77 18.47 -17.56 -29.26
N TYR C 78 18.44 -16.25 -28.96
CA TYR C 78 18.02 -15.77 -27.63
C TYR C 78 16.64 -15.13 -27.73
N VAL C 79 15.71 -15.48 -26.84
CA VAL C 79 14.43 -14.79 -26.83
C VAL C 79 14.56 -13.61 -25.87
N VAL C 80 14.40 -12.41 -26.42
CA VAL C 80 14.72 -11.19 -25.70
C VAL C 80 13.69 -10.12 -26.00
N VAL C 81 13.75 -9.03 -25.23
CA VAL C 81 12.96 -7.85 -25.54
C VAL C 81 13.58 -7.06 -26.68
N ARG C 82 12.92 -7.12 -27.83
CA ARG C 82 13.41 -6.44 -29.03
C ARG C 82 13.04 -4.99 -29.18
N SER C 83 11.95 -4.57 -28.50
CA SER C 83 11.46 -3.21 -28.66
C SER C 83 10.78 -2.80 -27.35
N LEU C 84 10.89 -1.51 -27.02
CA LEU C 84 10.13 -0.92 -25.89
C LEU C 84 9.52 0.37 -26.34
N THR C 85 8.33 0.65 -25.80
CA THR C 85 7.65 1.96 -25.93
C THR C 85 7.18 2.38 -24.54
N PHE C 86 7.34 3.65 -24.27
CA PHE C 86 6.91 4.21 -22.98
C PHE C 86 5.93 5.32 -23.26
N LYS C 87 4.68 5.13 -22.82
CA LYS C 87 3.66 6.15 -23.10
C LYS C 87 3.47 6.86 -21.77
N THR C 88 3.67 8.19 -21.73
CA THR C 88 3.35 8.93 -20.55
C THR C 88 2.03 9.65 -20.69
N ASN C 89 1.69 10.40 -19.66
CA ASN C 89 0.46 11.18 -19.69
C ASN C 89 0.62 12.36 -20.64
N LYS C 90 1.83 12.58 -21.10
CA LYS C 90 2.18 13.73 -22.00
C LYS C 90 2.51 13.31 -23.42
N LYS C 91 3.27 12.24 -23.56
CA LYS C 91 3.84 11.91 -24.87
C LYS C 91 4.12 10.44 -24.99
N THR C 92 4.34 9.95 -26.20
CA THR C 92 4.86 8.59 -26.37
C THR C 92 6.33 8.63 -26.77
N TYR C 93 7.14 7.80 -26.13
CA TYR C 93 8.60 7.66 -26.39
C TYR C 93 8.84 6.30 -26.96
N GLY C 94 9.34 6.25 -28.20
CA GLY C 94 9.50 4.93 -28.86
C GLY C 94 8.51 4.76 -30.00
N PRO C 95 8.47 3.57 -30.59
CA PRO C 95 9.23 2.37 -30.21
C PRO C 95 10.73 2.51 -30.43
N TYR C 96 11.51 1.90 -29.54
CA TYR C 96 12.94 1.74 -29.67
C TYR C 96 13.21 0.28 -29.92
N GLY C 97 13.91 -0.01 -31.01
CA GLY C 97 14.34 -1.36 -31.25
C GLY C 97 13.66 -1.82 -32.51
N VAL C 98 13.26 -3.07 -32.53
CA VAL C 98 12.67 -3.69 -33.70
C VAL C 98 11.30 -4.17 -33.27
N THR C 99 10.22 -3.62 -33.87
CA THR C 99 8.88 -4.01 -33.45
C THR C 99 8.44 -5.31 -34.08
N SER C 100 9.15 -6.38 -33.73
CA SER C 100 8.83 -7.65 -34.31
C SER C 100 8.78 -8.75 -33.26
N GLY C 101 7.70 -9.53 -33.33
CA GLY C 101 7.51 -10.73 -32.54
C GLY C 101 6.23 -10.82 -31.71
N THR C 102 6.36 -11.15 -30.44
CA THR C 102 5.15 -11.32 -29.59
C THR C 102 4.93 -10.05 -28.77
N PRO C 103 3.76 -9.41 -28.86
CA PRO C 103 3.59 -8.14 -28.12
C PRO C 103 3.25 -8.38 -26.69
N PHE C 104 3.62 -7.37 -25.87
CA PHE C 104 3.21 -7.35 -24.46
C PHE C 104 2.90 -5.88 -24.11
N ASN C 105 2.05 -5.70 -23.10
CA ASN C 105 1.72 -4.34 -22.65
C ASN C 105 1.20 -4.33 -21.25
N LEU C 106 1.67 -3.33 -20.49
CA LEU C 106 1.11 -3.08 -19.18
C LEU C 106 0.59 -1.67 -19.10
N PRO C 107 -0.72 -1.48 -19.24
CA PRO C 107 -1.32 -0.17 -19.00
C PRO C 107 -1.68 -0.05 -17.53
N ILE C 108 -1.56 1.16 -17.04
CA ILE C 108 -1.84 1.42 -15.64
C ILE C 108 -2.95 2.46 -15.61
N GLU C 109 -4.04 2.12 -14.88
CA GLU C 109 -5.14 3.01 -14.68
C GLU C 109 -4.95 3.85 -13.41
N ASN C 110 -4.37 3.25 -12.39
CA ASN C 110 -4.10 3.96 -11.17
C ASN C 110 -2.88 3.39 -10.54
N GLY C 111 -1.92 4.29 -10.27
CA GLY C 111 -0.67 3.86 -9.65
C GLY C 111 0.53 4.24 -10.48
N LEU C 112 1.70 4.01 -9.92
CA LEU C 112 2.95 4.43 -10.57
C LEU C 112 3.89 3.28 -10.63
N ILE C 113 4.71 3.27 -11.72
CA ILE C 113 5.91 2.44 -11.77
C ILE C 113 7.01 3.09 -10.93
N VAL C 114 7.52 2.34 -9.98
CA VAL C 114 8.49 2.86 -9.01
C VAL C 114 9.80 2.07 -9.01
N GLY C 115 9.94 1.10 -9.90
CA GLY C 115 11.20 0.38 -9.94
C GLY C 115 11.16 -0.71 -10.98
N PHE C 116 12.34 -1.21 -11.34
CA PHE C 116 12.46 -2.24 -12.38
C PHE C 116 13.41 -3.33 -11.88
N LYS C 117 13.18 -4.54 -12.33
CA LYS C 117 14.09 -5.63 -12.09
C LYS C 117 14.10 -6.45 -13.39
N GLY C 118 15.06 -7.32 -13.56
CA GLY C 118 15.05 -8.09 -14.80
C GLY C 118 16.39 -8.77 -15.00
N SER C 119 16.73 -9.05 -16.26
CA SER C 119 18.01 -9.74 -16.58
C SER C 119 18.47 -9.26 -17.91
N ILE C 120 19.75 -8.94 -18.00
CA ILE C 120 20.40 -8.54 -19.24
C ILE C 120 21.63 -9.41 -19.47
N GLY C 121 21.68 -10.01 -20.66
CA GLY C 121 22.85 -10.77 -21.14
C GLY C 121 23.45 -10.00 -22.30
N TYR C 122 23.33 -10.54 -23.52
CA TYR C 122 23.65 -9.80 -24.74
C TYR C 122 22.60 -8.72 -24.90
N TRP C 123 21.36 -9.08 -24.54
CA TRP C 123 20.23 -8.14 -24.65
C TRP C 123 19.36 -8.26 -23.41
N LEU C 124 18.41 -7.35 -23.29
CA LEU C 124 17.41 -7.41 -22.22
C LEU C 124 16.58 -8.67 -22.37
N ASP C 125 16.73 -9.63 -21.47
CA ASP C 125 16.06 -10.94 -21.52
C ASP C 125 14.56 -10.81 -21.07
N TYR C 126 14.33 -10.03 -20.00
CA TYR C 126 12.99 -9.89 -19.43
C TYR C 126 13.06 -8.80 -18.37
N PHE C 127 11.90 -8.30 -17.95
CA PHE C 127 11.90 -7.32 -16.87
C PHE C 127 10.51 -7.37 -16.20
N SER C 128 10.53 -6.86 -14.97
CA SER C 128 9.32 -6.69 -14.16
C SER C 128 9.29 -5.27 -13.63
N MET C 129 8.14 -4.86 -13.08
CA MET C 129 8.01 -3.48 -12.60
C MET C 129 7.39 -3.47 -11.22
N TYR C 130 7.96 -2.67 -10.33
CA TYR C 130 7.32 -2.41 -9.02
C TYR C 130 6.27 -1.32 -9.25
N LEU C 131 5.06 -1.50 -8.66
CA LEU C 131 3.98 -0.56 -8.76
C LEU C 131 3.59 -0.11 -7.35
N SER C 132 3.29 1.16 -7.24
CA SER C 132 2.84 1.69 -5.96
C SER C 132 1.82 2.75 -6.16
N LEU C 133 1.08 3.10 -5.12
CA LEU C 133 0.37 4.36 -5.10
C LEU C 133 1.25 5.55 -4.66
N SER D 3 8.99 -9.88 8.19
CA SER D 3 10.36 -9.30 8.12
C SER D 3 10.36 -7.78 8.12
N GLY D 4 11.54 -7.23 8.38
CA GLY D 4 11.80 -5.82 8.39
C GLY D 4 11.88 -5.16 7.04
N ILE D 5 11.64 -5.90 5.94
CA ILE D 5 11.74 -5.31 4.58
C ILE D 5 10.33 -4.96 4.03
N SER D 6 10.15 -3.68 3.70
CA SER D 6 8.89 -3.20 3.13
C SER D 6 8.64 -3.88 1.79
N GLN D 7 7.41 -4.21 1.55
CA GLN D 7 7.13 -4.81 0.22
C GLN D 7 6.25 -3.96 -0.67
N THR D 8 6.27 -4.29 -1.97
CA THR D 8 5.47 -3.55 -2.92
C THR D 8 5.01 -4.55 -4.00
N VAL D 9 3.91 -4.17 -4.66
CA VAL D 9 3.37 -4.98 -5.80
C VAL D 9 4.49 -5.06 -6.86
N ILE D 10 4.70 -6.22 -7.44
CA ILE D 10 5.60 -6.37 -8.60
C ILE D 10 4.82 -7.17 -9.64
N VAL D 11 4.79 -6.59 -10.84
CA VAL D 11 4.13 -7.30 -11.98
C VAL D 11 5.19 -7.64 -13.01
N GLY D 12 5.00 -8.74 -13.74
CA GLY D 12 6.01 -9.27 -14.65
C GLY D 12 6.44 -10.65 -14.17
N PRO D 13 7.39 -11.27 -14.90
CA PRO D 13 8.15 -10.63 -15.98
C PRO D 13 7.53 -10.67 -17.39
N TRP D 14 7.93 -9.70 -18.20
CA TRP D 14 7.68 -9.79 -19.65
C TRP D 14 8.99 -9.96 -20.35
N GLY D 15 8.94 -10.67 -21.48
CA GLY D 15 10.11 -10.86 -22.32
C GLY D 15 10.50 -12.31 -22.52
N ALA D 16 10.16 -13.20 -21.59
CA ALA D 16 10.61 -14.60 -21.67
C ALA D 16 10.33 -15.36 -20.36
N GLY E 1 -13.38 -10.13 27.64
CA GLY E 1 -14.42 -9.58 26.77
C GLY E 1 -14.48 -10.38 25.52
N LYS E 2 -15.26 -9.90 24.56
CA LYS E 2 -15.40 -10.51 23.28
C LYS E 2 -14.56 -9.76 22.25
N ALA E 3 -13.64 -10.43 21.63
CA ALA E 3 -12.76 -9.80 20.62
C ALA E 3 -13.61 -9.59 19.40
N PHE E 4 -13.28 -8.51 18.65
CA PHE E 4 -13.90 -8.27 17.35
C PHE E 4 -12.87 -7.79 16.37
N ASP E 5 -13.17 -7.97 15.09
CA ASP E 5 -12.22 -7.50 14.06
C ASP E 5 -13.06 -7.27 12.82
N ASP E 6 -13.30 -5.99 12.45
CA ASP E 6 -14.13 -5.66 11.25
C ASP E 6 -13.34 -5.87 9.97
N GLY E 7 -12.01 -5.87 10.05
CA GLY E 7 -11.15 -5.85 8.85
C GLY E 7 -11.14 -4.46 8.21
N ALA E 8 -10.72 -4.43 6.93
CA ALA E 8 -10.46 -3.21 6.24
C ALA E 8 -11.49 -2.90 5.13
N PHE E 9 -11.78 -1.61 4.96
CA PHE E 9 -12.80 -1.16 4.04
C PHE E 9 -12.22 0.01 3.23
N THR E 10 -13.07 0.75 2.51
CA THR E 10 -12.63 1.91 1.70
C THR E 10 -12.58 3.21 2.47
N GLY E 11 -13.31 3.30 3.57
CA GLY E 11 -13.33 4.54 4.36
C GLY E 11 -14.41 4.43 5.42
N ILE E 12 -14.75 5.56 6.01
CA ILE E 12 -15.72 5.60 7.13
C ILE E 12 -16.80 6.61 6.89
N ARG E 13 -18.03 6.16 7.01
CA ARG E 13 -19.20 7.04 6.83
C ARG E 13 -19.79 7.50 8.17
N GLU E 14 -19.81 6.63 9.17
CA GLU E 14 -20.43 6.98 10.43
C GLU E 14 -19.84 6.12 11.54
N ILE E 15 -19.74 6.70 12.72
CA ILE E 15 -19.34 5.94 13.94
C ILE E 15 -20.45 6.05 14.94
N ASN E 16 -20.93 4.93 15.44
CA ASN E 16 -21.90 4.88 16.51
C ASN E 16 -21.15 4.34 17.71
N LEU E 17 -21.24 5.02 18.83
CA LEU E 17 -20.61 4.49 20.05
C LEU E 17 -21.55 4.80 21.18
N SER E 18 -21.25 4.18 22.33
CA SER E 18 -21.96 4.60 23.53
C SER E 18 -20.99 4.74 24.67
N TYR E 19 -21.40 5.48 25.68
CA TYR E 19 -20.51 5.75 26.80
C TYR E 19 -21.30 6.02 28.08
N ASN E 20 -20.62 6.01 29.17
CA ASN E 20 -21.19 6.47 30.45
C ASN E 20 -20.17 7.40 31.08
N LYS E 21 -20.68 8.54 31.58
CA LYS E 21 -19.81 9.61 32.08
C LYS E 21 -19.16 9.24 33.41
N GLU E 22 -19.60 8.15 34.02
CA GLU E 22 -18.98 7.66 35.26
C GLU E 22 -18.00 6.50 35.01
N THR E 23 -18.19 5.74 33.92
CA THR E 23 -17.37 4.53 33.68
C THR E 23 -16.45 4.69 32.46
N ALA E 24 -16.93 4.26 31.29
CA ALA E 24 -16.04 4.10 30.15
C ALA E 24 -16.91 3.96 28.89
N ILE E 25 -16.20 3.73 27.79
CA ILE E 25 -16.87 3.49 26.51
C ILE E 25 -17.53 2.10 26.55
N GLY E 26 -18.76 2.00 26.00
CA GLY E 26 -19.52 0.73 25.96
C GLY E 26 -19.55 0.08 24.60
N ASP E 27 -20.41 0.55 23.71
CA ASP E 27 -20.60 -0.10 22.45
C ASP E 27 -19.88 0.63 21.33
N PHE E 28 -19.67 -0.05 20.21
CA PHE E 28 -18.96 0.54 19.08
C PHE E 28 -19.45 -0.13 17.81
N GLN E 29 -19.87 0.69 16.87
CA GLN E 29 -20.33 0.22 15.50
C GLN E 29 -19.99 1.21 14.41
N VAL E 30 -19.39 0.74 13.32
CA VAL E 30 -19.04 1.67 12.24
C VAL E 30 -19.85 1.34 11.01
N VAL E 31 -20.28 2.41 10.35
CA VAL E 31 -20.77 2.28 8.97
C VAL E 31 -19.56 2.67 8.12
N TYR E 32 -19.05 1.71 7.38
CA TYR E 32 -17.90 1.94 6.55
C TYR E 32 -18.38 2.38 5.16
N ASP E 33 -17.46 2.92 4.37
CA ASP E 33 -17.64 2.90 2.92
C ASP E 33 -16.99 1.65 2.35
N LEU E 34 -17.64 0.99 1.40
CA LEU E 34 -17.02 -0.14 0.67
C LEU E 34 -17.25 0.18 -0.81
N ASN E 35 -16.18 0.60 -1.46
CA ASN E 35 -16.22 0.92 -2.92
C ASN E 35 -17.33 1.90 -3.28
N GLY E 36 -17.55 2.87 -2.39
CA GLY E 36 -18.46 4.02 -2.75
C GLY E 36 -19.88 3.79 -2.31
N SER E 37 -20.23 2.64 -1.71
CA SER E 37 -21.51 2.38 -1.04
C SER E 37 -21.35 2.12 0.46
N PRO E 38 -22.38 2.45 1.29
CA PRO E 38 -22.30 2.15 2.72
C PRO E 38 -22.21 0.66 2.98
N TYR E 39 -21.44 0.31 3.99
CA TYR E 39 -21.41 -1.07 4.49
C TYR E 39 -21.59 -0.98 6.00
N VAL E 40 -22.68 -1.53 6.47
CA VAL E 40 -23.03 -1.48 7.91
C VAL E 40 -22.25 -2.50 8.69
N GLY E 41 -21.29 -2.02 9.48
CA GLY E 41 -20.50 -2.90 10.27
C GLY E 41 -21.29 -3.61 11.35
N GLN E 42 -20.68 -4.69 11.84
CA GLN E 42 -21.22 -5.35 12.99
C GLN E 42 -21.32 -4.40 14.19
N ASN E 43 -22.35 -4.54 15.01
CA ASN E 43 -22.48 -3.75 16.19
C ASN E 43 -21.83 -4.46 17.36
N HIS E 44 -20.74 -3.88 17.86
CA HIS E 44 -19.97 -4.53 18.96
C HIS E 44 -20.49 -3.98 20.23
N LYS E 45 -21.27 -4.83 20.90
CA LYS E 45 -21.97 -4.34 22.12
C LYS E 45 -21.35 -4.78 23.41
N SER E 46 -21.37 -3.92 24.41
CA SER E 46 -21.06 -4.34 25.76
C SER E 46 -22.00 -5.42 26.25
N PHE E 47 -21.47 -6.15 27.21
CA PHE E 47 -22.24 -7.20 27.88
C PHE E 47 -23.34 -6.54 28.76
N ILE E 48 -23.22 -5.26 29.09
CA ILE E 48 -24.26 -4.54 29.85
C ILE E 48 -24.84 -3.46 28.99
N THR E 49 -25.94 -2.84 29.42
CA THR E 49 -26.64 -1.80 28.65
C THR E 49 -26.93 -0.63 29.61
N GLY E 50 -27.45 0.46 29.05
CA GLY E 50 -27.65 1.66 29.78
C GLY E 50 -26.72 2.80 29.44
N PHE E 51 -25.88 2.55 28.43
CA PHE E 51 -24.99 3.60 27.95
C PHE E 51 -25.72 4.67 27.18
N THR E 52 -25.10 5.85 27.12
CA THR E 52 -25.66 6.92 26.27
C THR E 52 -25.14 6.78 24.84
N PRO E 53 -26.00 6.61 23.82
CA PRO E 53 -25.63 6.48 22.42
C PRO E 53 -25.26 7.81 21.78
N VAL E 54 -24.28 7.75 20.89
CA VAL E 54 -23.69 8.90 20.15
C VAL E 54 -23.62 8.42 18.69
N LYS E 55 -24.07 9.24 17.74
CA LYS E 55 -23.88 8.94 16.34
C LYS E 55 -23.05 10.05 15.73
N ILE E 56 -21.89 9.70 15.17
CA ILE E 56 -21.04 10.71 14.47
C ILE E 56 -21.24 10.42 13.00
N SER E 57 -21.96 11.29 12.27
CA SER E 57 -22.22 11.11 10.86
C SER E 57 -21.28 11.99 10.08
N LEU E 58 -20.28 11.39 9.47
CA LEU E 58 -19.29 12.17 8.69
C LEU E 58 -19.85 12.57 7.34
N ASP E 59 -19.39 13.75 6.89
CA ASP E 59 -19.66 14.13 5.51
C ASP E 59 -18.70 13.45 4.54
N PHE E 60 -18.92 12.14 4.38
CA PHE E 60 -18.03 11.32 3.51
C PHE E 60 -18.35 11.69 2.03
N PRO E 61 -17.34 11.78 1.15
CA PRO E 61 -15.93 11.43 1.38
C PRO E 61 -15.03 12.56 1.80
N SER E 62 -15.52 13.80 1.85
CA SER E 62 -14.61 14.89 2.11
C SER E 62 -14.15 15.06 3.57
N GLU E 63 -14.98 14.60 4.51
CA GLU E 63 -14.63 14.69 5.93
C GLU E 63 -14.13 13.32 6.30
N TYR E 64 -12.98 13.34 6.93
CA TYR E 64 -12.38 12.08 7.38
C TYR E 64 -11.62 12.32 8.67
N ILE E 65 -11.46 11.23 9.44
CA ILE E 65 -10.78 11.35 10.74
C ILE E 65 -9.30 11.59 10.56
N MET E 66 -8.79 12.56 11.28
CA MET E 66 -7.35 12.87 11.33
C MET E 66 -6.68 12.59 12.67
N GLU E 67 -7.45 12.36 13.76
CA GLU E 67 -6.81 12.01 15.03
C GLU E 67 -7.85 11.26 15.81
N VAL E 68 -7.46 10.14 16.41
CA VAL E 68 -8.26 9.48 17.43
C VAL E 68 -7.47 9.59 18.71
N SER E 69 -8.11 10.07 19.77
CA SER E 69 -7.41 10.16 21.04
C SER E 69 -8.36 9.69 22.11
N GLY E 70 -7.78 9.49 23.27
CA GLY E 70 -8.58 9.08 24.41
C GLY E 70 -7.75 8.83 25.62
N TYR E 71 -8.39 8.12 26.56
CA TYR E 71 -7.78 7.79 27.81
C TYR E 71 -8.07 6.32 28.15
N THR E 72 -7.05 5.62 28.65
CA THR E 72 -7.20 4.29 29.24
C THR E 72 -7.07 4.35 30.74
N GLY E 73 -7.80 3.51 31.46
CA GLY E 73 -7.54 3.48 32.91
C GLY E 73 -8.44 2.44 33.54
N ASN E 74 -8.51 2.49 34.86
CA ASN E 74 -9.15 1.43 35.62
C ASN E 74 -10.62 1.64 35.89
N VAL E 75 -11.44 0.63 35.64
CA VAL E 75 -12.85 0.67 36.05
C VAL E 75 -13.10 -0.71 36.62
N SER E 76 -13.46 -0.75 37.91
CA SER E 76 -13.72 -2.04 38.61
C SER E 76 -12.63 -3.08 38.48
N GLY E 77 -11.39 -2.62 38.52
CA GLY E 77 -10.24 -3.49 38.37
C GLY E 77 -9.76 -3.88 36.99
N TYR E 78 -10.41 -3.38 35.92
CA TYR E 78 -9.99 -3.75 34.59
C TYR E 78 -9.49 -2.49 33.91
N VAL E 79 -8.40 -2.62 33.15
CA VAL E 79 -7.96 -1.53 32.28
C VAL E 79 -8.90 -1.50 31.04
N VAL E 80 -9.49 -0.31 30.79
CA VAL E 80 -10.45 -0.16 29.68
C VAL E 80 -10.21 1.20 29.05
N VAL E 81 -10.85 1.38 27.90
CA VAL E 81 -10.85 2.68 27.17
C VAL E 81 -11.95 3.53 27.81
N ARG E 82 -11.52 4.50 28.62
CA ARG E 82 -12.46 5.32 29.34
C ARG E 82 -13.05 6.47 28.51
N SER E 83 -12.28 6.94 27.51
CA SER E 83 -12.74 8.10 26.75
C SER E 83 -12.21 7.99 25.36
N LEU E 84 -13.03 8.52 24.41
CA LEU E 84 -12.63 8.65 23.00
C LEU E 84 -12.97 10.04 22.53
N THR E 85 -12.06 10.55 21.68
CA THR E 85 -12.35 11.79 20.89
C THR E 85 -11.94 11.52 19.45
N PHE E 86 -12.78 11.92 18.49
CA PHE E 86 -12.47 11.80 17.03
C PHE E 86 -12.34 13.19 16.48
N LYS E 87 -11.20 13.54 15.89
CA LYS E 87 -11.02 14.86 15.27
C LYS E 87 -10.94 14.58 13.79
N THR E 88 -11.78 15.24 13.01
CA THR E 88 -11.73 15.19 11.53
C THR E 88 -11.06 16.47 10.98
N ASN E 89 -10.88 16.49 9.67
CA ASN E 89 -10.42 17.71 9.00
C ASN E 89 -11.40 18.88 9.14
N LYS E 90 -12.63 18.63 9.61
CA LYS E 90 -13.65 19.67 9.75
C LYS E 90 -14.11 19.96 11.17
N LYS E 91 -14.15 18.94 12.05
CA LYS E 91 -14.83 19.08 13.35
C LYS E 91 -14.24 18.17 14.40
N THR E 92 -14.53 18.42 15.66
CA THR E 92 -14.09 17.50 16.69
C THR E 92 -15.33 16.91 17.29
N TYR E 93 -15.27 15.63 17.60
CA TYR E 93 -16.39 14.92 18.18
C TYR E 93 -15.90 14.26 19.47
N GLY E 94 -16.47 14.68 20.58
CA GLY E 94 -15.96 14.30 21.88
C GLY E 94 -15.34 15.39 22.68
N PRO E 95 -14.78 15.08 23.87
CA PRO E 95 -14.63 13.69 24.40
C PRO E 95 -15.88 13.06 24.83
N TYR E 96 -15.92 11.71 24.71
CA TYR E 96 -17.05 10.91 25.20
C TYR E 96 -16.47 9.97 26.22
N GLY E 97 -17.12 10.00 27.38
CA GLY E 97 -16.59 9.15 28.46
C GLY E 97 -15.93 9.89 29.56
N VAL E 98 -14.95 9.27 30.21
CA VAL E 98 -14.27 9.89 31.33
C VAL E 98 -12.82 10.18 30.96
N THR E 99 -12.41 11.44 31.02
CA THR E 99 -11.05 11.80 30.56
C THR E 99 -10.03 11.70 31.70
N SER E 100 -9.84 10.47 32.20
CA SER E 100 -8.77 10.22 33.15
C SER E 100 -8.12 8.85 33.00
N GLY E 101 -6.87 8.82 33.42
CA GLY E 101 -6.00 7.68 33.33
C GLY E 101 -4.91 8.13 32.40
N THR E 102 -4.49 7.21 31.52
CA THR E 102 -3.33 7.41 30.69
C THR E 102 -3.80 7.85 29.29
N PRO E 103 -3.31 9.00 28.80
CA PRO E 103 -3.81 9.40 27.47
C PRO E 103 -3.13 8.63 26.37
N PHE E 104 -3.79 8.57 25.21
CA PHE E 104 -3.16 8.06 24.00
C PHE E 104 -3.69 8.88 22.86
N ASN E 105 -2.92 8.88 21.77
CA ASN E 105 -3.43 9.60 20.60
C ASN E 105 -2.76 9.12 19.31
N LEU E 106 -3.60 8.93 18.30
CA LEU E 106 -3.14 8.63 16.93
C LEU E 106 -3.51 9.72 15.98
N PRO E 107 -2.59 10.67 15.70
CA PRO E 107 -2.84 11.64 14.64
C PRO E 107 -2.30 11.11 13.32
N ILE E 108 -3.00 11.45 12.23
CA ILE E 108 -2.64 10.91 10.92
C ILE E 108 -2.32 12.11 10.06
N GLU E 109 -1.12 12.18 9.48
CA GLU E 109 -0.78 13.22 8.50
C GLU E 109 -1.13 12.84 7.10
N ASN E 110 -1.07 11.57 6.74
CA ASN E 110 -1.42 11.14 5.42
C ASN E 110 -1.95 9.68 5.47
N GLY E 111 -3.08 9.39 4.84
CA GLY E 111 -3.73 8.09 4.92
C GLY E 111 -5.00 8.15 5.73
N LEU E 112 -5.66 7.01 5.81
CA LEU E 112 -6.99 6.90 6.36
C LEU E 112 -7.13 5.72 7.29
N ILE E 113 -8.00 5.91 8.29
CA ILE E 113 -8.51 4.73 9.07
C ILE E 113 -9.55 4.05 8.22
N VAL E 114 -9.39 2.74 7.96
CA VAL E 114 -10.31 1.98 7.09
C VAL E 114 -10.86 0.75 7.84
N GLY E 115 -10.63 0.69 9.17
CA GLY E 115 -11.17 -0.45 9.90
C GLY E 115 -10.74 -0.47 11.35
N PHE E 116 -11.54 -1.16 12.17
CA PHE E 116 -11.28 -1.28 13.58
C PHE E 116 -11.31 -2.74 14.05
N LYS E 117 -10.51 -3.04 15.09
CA LYS E 117 -10.61 -4.34 15.79
C LYS E 117 -10.36 -4.02 17.25
N GLY E 118 -10.72 -4.99 18.08
CA GLY E 118 -10.52 -4.75 19.51
C GLY E 118 -11.24 -5.83 20.36
N SER E 119 -11.64 -5.43 21.55
CA SER E 119 -12.35 -6.35 22.47
C SER E 119 -13.22 -5.50 23.38
N ILE E 120 -14.44 -5.99 23.62
CA ILE E 120 -15.38 -5.29 24.52
C ILE E 120 -15.93 -6.39 25.50
N GLY E 121 -15.89 -5.99 26.76
CA GLY E 121 -16.53 -6.84 27.84
C GLY E 121 -17.71 -6.02 28.41
N TYR E 122 -17.59 -5.62 29.64
CA TYR E 122 -18.51 -4.59 30.16
C TYR E 122 -18.20 -3.25 29.47
N TRP E 123 -16.91 -3.01 29.18
CA TRP E 123 -16.49 -1.76 28.47
C TRP E 123 -15.51 -2.13 27.38
N LEU E 124 -15.25 -1.17 26.50
CA LEU E 124 -14.19 -1.34 25.52
C LEU E 124 -12.83 -1.59 26.19
N ASP E 125 -12.32 -2.79 25.92
CA ASP E 125 -11.08 -3.19 26.63
C ASP E 125 -9.84 -2.62 25.93
N TYR E 126 -9.86 -2.72 24.60
CA TYR E 126 -8.74 -2.22 23.80
C TYR E 126 -9.22 -2.17 22.36
N PHE E 127 -8.42 -1.46 21.56
CA PHE E 127 -8.75 -1.42 20.11
C PHE E 127 -7.55 -1.04 19.29
N SER E 128 -7.63 -1.44 18.04
CA SER E 128 -6.58 -1.15 17.00
C SER E 128 -7.28 -0.64 15.76
N MET E 129 -6.47 0.00 14.87
CA MET E 129 -7.04 0.59 13.65
C MET E 129 -6.25 0.15 12.45
N TYR E 130 -6.97 -0.16 11.38
CA TYR E 130 -6.38 -0.40 10.05
C TYR E 130 -6.16 0.92 9.33
N LEU E 131 -4.99 1.11 8.71
CA LEU E 131 -4.67 2.37 8.01
C LEU E 131 -4.31 2.00 6.60
N SER E 132 -4.79 2.84 5.69
CA SER E 132 -4.44 2.65 4.27
C SER E 132 -4.37 3.99 3.56
N LEU E 133 -3.74 3.99 2.41
CA LEU E 133 -3.94 5.05 1.45
C LEU E 133 -5.22 4.71 0.67
N GLN F 2 3.29 -16.53 -0.35
CA GLN F 2 2.28 -15.66 0.34
C GLN F 2 0.99 -16.44 0.68
N SER F 3 -0.03 -15.73 1.18
CA SER F 3 -1.38 -16.24 1.15
C SER F 3 -2.16 -15.33 0.22
N GLY F 4 -3.38 -15.78 -0.04
CA GLY F 4 -4.35 -15.08 -0.87
C GLY F 4 -5.08 -13.99 -0.12
N ILE F 5 -4.72 -13.67 1.12
CA ILE F 5 -5.38 -12.60 1.87
C ILE F 5 -4.62 -11.28 1.80
N SER F 6 -5.27 -10.23 1.32
CA SER F 6 -4.64 -8.91 1.28
C SER F 6 -4.34 -8.44 2.69
N GLN F 7 -3.23 -7.75 2.85
CA GLN F 7 -2.99 -7.15 4.16
C GLN F 7 -2.95 -5.65 4.16
N THR F 8 -2.99 -5.12 5.41
CA THR F 8 -3.14 -3.68 5.62
C THR F 8 -2.26 -3.37 6.86
N VAL F 9 -1.80 -2.14 6.93
CA VAL F 9 -1.16 -1.65 8.16
C VAL F 9 -2.19 -1.64 9.31
N ILE F 10 -1.77 -2.08 10.50
CA ILE F 10 -2.64 -2.02 11.64
C ILE F 10 -1.83 -1.41 12.80
N VAL F 11 -2.36 -0.40 13.43
CA VAL F 11 -1.68 0.23 14.59
C VAL F 11 -2.55 -0.02 15.80
N GLY F 12 -1.90 -0.09 16.94
CA GLY F 12 -2.58 -0.45 18.20
C GLY F 12 -2.01 -1.78 18.70
N PRO F 13 -2.62 -2.37 19.73
CA PRO F 13 -3.78 -1.86 20.43
C PRO F 13 -3.47 -0.83 21.51
N TRP F 14 -4.48 -0.03 21.82
CA TRP F 14 -4.50 0.87 22.99
C TRP F 14 -5.54 0.31 23.91
N GLY F 15 -5.15 0.22 25.19
CA GLY F 15 -6.07 -0.22 26.25
C GLY F 15 -5.46 -1.39 26.99
N ALA F 16 -6.28 -2.30 27.47
CA ALA F 16 -5.83 -3.49 28.22
C ALA F 16 -4.94 -4.42 27.44
N LYS F 17 -4.21 -5.24 28.21
CA LYS F 17 -3.59 -6.52 27.79
C LYS F 17 -2.16 -6.41 27.32
N GLY G 1 12.22 25.48 15.66
CA GLY G 1 13.19 24.38 15.32
C GLY G 1 13.33 24.33 13.81
N LYS G 2 14.34 23.60 13.34
CA LYS G 2 14.51 23.32 11.91
C LYS G 2 13.79 22.02 11.53
N ALA G 3 12.86 22.18 10.58
CA ALA G 3 12.09 21.05 10.06
C ALA G 3 13.00 20.11 9.29
N PHE G 4 12.75 18.81 9.47
CA PHE G 4 13.38 17.85 8.57
C PHE G 4 12.37 16.81 8.07
N ASP G 5 12.70 16.15 6.98
CA ASP G 5 11.79 15.13 6.47
C ASP G 5 12.65 14.20 5.66
N ASP G 6 12.93 13.04 6.20
CA ASP G 6 13.83 12.09 5.51
C ASP G 6 13.14 11.43 4.34
N GLY G 7 11.82 11.35 4.40
CA GLY G 7 11.07 10.59 3.40
C GLY G 7 10.92 9.11 3.80
N ALA G 8 10.47 8.33 2.85
CA ALA G 8 10.21 6.88 3.08
C ALA G 8 11.23 6.00 2.36
N PHE G 9 11.54 4.92 3.03
CA PHE G 9 12.58 3.95 2.59
C PHE G 9 12.04 2.53 2.66
N THR G 10 12.93 1.54 2.69
CA THR G 10 12.51 0.12 2.72
C THR G 10 12.46 -0.45 4.11
N GLY G 11 13.01 0.25 5.12
CA GLY G 11 13.17 -0.28 6.45
C GLY G 11 14.15 0.55 7.23
N ILE G 12 14.43 0.06 8.44
CA ILE G 12 15.32 0.77 9.38
C ILE G 12 16.46 -0.15 9.77
N ARG G 13 17.68 0.37 9.64
CA ARG G 13 18.88 -0.35 10.15
C ARG G 13 19.42 0.17 11.47
N GLU G 14 19.44 1.47 11.68
CA GLU G 14 20.04 1.99 12.92
C GLU G 14 19.44 3.33 13.20
N ILE G 15 19.19 3.64 14.47
CA ILE G 15 18.77 4.96 14.91
C ILE G 15 19.83 5.56 15.79
N ASN G 16 20.32 6.74 15.48
CA ASN G 16 21.29 7.46 16.33
C ASN G 16 20.58 8.69 16.90
N LEU G 17 20.49 8.81 18.21
CA LEU G 17 19.88 9.98 18.82
C LEU G 17 20.73 10.42 19.98
N SER G 18 20.40 11.56 20.56
CA SER G 18 21.09 11.91 21.83
C SER G 18 20.05 12.47 22.78
N TYR G 19 20.36 12.50 24.08
CA TYR G 19 19.39 12.98 25.05
C TYR G 19 20.10 13.51 26.29
N ASN G 20 19.32 14.20 27.10
CA ASN G 20 19.78 14.74 28.40
C ASN G 20 18.57 14.54 29.29
N LYS G 21 18.77 13.83 30.39
CA LYS G 21 17.64 13.60 31.32
C LYS G 21 17.11 14.88 31.96
N GLU G 22 17.95 15.92 32.06
CA GLU G 22 17.44 17.17 32.55
C GLU G 22 16.52 17.85 31.57
N THR G 23 16.62 17.50 30.29
CA THR G 23 15.85 18.25 29.29
C THR G 23 15.10 17.22 28.42
N ALA G 24 15.65 16.92 27.25
CA ALA G 24 14.82 16.16 26.28
C ALA G 24 15.75 15.49 25.28
N ILE G 25 15.16 14.91 24.21
CA ILE G 25 15.94 14.36 23.08
C ILE G 25 16.57 15.50 22.31
N GLY G 26 17.84 15.36 21.86
CA GLY G 26 18.55 16.37 21.08
C GLY G 26 18.64 15.95 19.61
N ASP G 27 19.73 15.29 19.26
CA ASP G 27 19.99 14.93 17.88
C ASP G 27 19.20 13.70 17.44
N PHE G 28 18.97 13.61 16.12
CA PHE G 28 18.29 12.45 15.58
C PHE G 28 18.81 12.15 14.16
N GLN G 29 19.16 10.92 13.89
CA GLN G 29 19.68 10.50 12.59
C GLN G 29 19.37 9.02 12.40
N VAL G 30 18.97 8.60 11.19
CA VAL G 30 18.63 7.26 10.94
C VAL G 30 19.42 6.71 9.77
N VAL G 31 19.89 5.48 9.92
CA VAL G 31 20.36 4.70 8.79
C VAL G 31 19.21 3.79 8.39
N TYR G 32 18.61 4.11 7.23
CA TYR G 32 17.53 3.40 6.64
C TYR G 32 18.06 2.18 5.86
N ASP G 33 17.17 1.25 5.58
CA ASP G 33 17.42 0.31 4.46
C ASP G 33 16.83 0.85 3.21
N LEU G 34 17.59 0.83 2.12
CA LEU G 34 17.04 1.21 0.79
C LEU G 34 17.31 0.02 -0.13
N ASN G 35 16.26 -0.76 -0.35
CA ASN G 35 16.37 -1.91 -1.26
C ASN G 35 17.57 -2.77 -0.99
N GLY G 36 17.81 -2.99 0.27
CA GLY G 36 18.81 -3.98 0.71
C GLY G 36 20.11 -3.38 1.11
N SER G 37 20.32 -2.10 0.85
CA SER G 37 21.53 -1.39 1.21
C SER G 37 21.31 -0.30 2.25
N PRO G 38 22.32 -0.01 3.06
CA PRO G 38 22.18 1.08 4.04
C PRO G 38 22.09 2.41 3.39
N TYR G 39 21.15 3.25 3.83
CA TYR G 39 21.06 4.63 3.39
C TYR G 39 21.27 5.54 4.57
N VAL G 40 22.38 6.28 4.58
CA VAL G 40 22.72 7.13 5.71
C VAL G 40 21.93 8.40 5.64
N GLY G 41 20.89 8.49 6.48
CA GLY G 41 20.12 9.73 6.53
C GLY G 41 20.95 10.93 7.02
N GLN G 42 20.48 12.14 6.70
CA GLN G 42 21.13 13.37 7.15
C GLN G 42 21.06 13.42 8.68
N ASN G 43 22.10 13.97 9.32
CA ASN G 43 22.13 14.05 10.79
C ASN G 43 21.40 15.33 11.19
N HIS G 44 20.32 15.19 11.95
CA HIS G 44 19.49 16.34 12.31
C HIS G 44 19.96 16.67 13.72
N LYS G 45 20.68 17.80 13.85
CA LYS G 45 21.33 18.12 15.09
C LYS G 45 20.58 19.17 15.89
N SER G 46 20.67 19.02 17.20
CA SER G 46 20.26 20.09 18.10
C SER G 46 21.13 21.32 17.84
N PHE G 47 20.52 22.51 17.99
CA PHE G 47 21.32 23.72 18.02
C PHE G 47 22.34 23.79 19.17
N ILE G 48 22.27 22.93 20.19
CA ILE G 48 23.17 22.99 21.37
C ILE G 48 23.87 21.65 21.56
N THR G 49 24.91 21.60 22.42
CA THR G 49 25.58 20.32 22.73
C THR G 49 25.28 19.94 24.17
N GLY G 50 25.98 18.91 24.67
CA GLY G 50 25.80 18.45 26.04
C GLY G 50 24.99 17.15 26.19
N PHE G 51 24.59 16.57 25.05
CA PHE G 51 23.79 15.36 25.06
C PHE G 51 24.60 14.06 25.08
N THR G 52 23.99 13.01 25.61
CA THR G 52 24.56 11.65 25.67
C THR G 52 24.13 10.97 24.36
N PRO G 53 25.06 10.39 23.62
CA PRO G 53 24.67 9.71 22.37
C PRO G 53 24.16 8.29 22.62
N VAL G 54 23.27 7.87 21.71
CA VAL G 54 22.67 6.56 21.71
C VAL G 54 22.75 6.06 20.29
N LYS G 55 23.21 4.86 20.07
CA LYS G 55 23.07 4.18 18.76
C LYS G 55 22.31 2.89 18.95
N ILE G 56 21.20 2.72 18.20
CA ILE G 56 20.37 1.55 18.21
C ILE G 56 20.62 0.83 16.90
N SER G 57 21.41 -0.23 16.91
CA SER G 57 21.78 -0.92 15.67
C SER G 57 20.95 -2.16 15.61
N LEU G 58 20.00 -2.19 14.68
CA LEU G 58 19.12 -3.34 14.60
C LEU G 58 19.66 -4.47 13.72
N ASP G 59 19.28 -5.70 14.04
CA ASP G 59 19.63 -6.87 13.23
C ASP G 59 18.70 -6.98 12.01
N PHE G 60 18.83 -6.01 11.13
CA PHE G 60 17.98 -5.94 9.94
C PHE G 60 18.30 -7.08 8.95
N PRO G 61 17.28 -7.73 8.37
CA PRO G 61 15.86 -7.49 8.50
C PRO G 61 15.12 -8.37 9.48
N SER G 62 15.83 -9.23 10.23
CA SER G 62 15.22 -10.13 11.24
C SER G 62 14.55 -9.37 12.36
N GLU G 63 15.17 -8.24 12.72
CA GLU G 63 14.70 -7.35 13.79
C GLU G 63 14.09 -6.05 13.24
N TYR G 64 12.93 -5.72 13.79
CA TYR G 64 12.23 -4.45 13.33
C TYR G 64 11.43 -3.94 14.50
N ILE G 65 11.21 -2.64 14.49
CA ILE G 65 10.47 -1.96 15.52
C ILE G 65 8.99 -2.33 15.48
N MET G 66 8.46 -2.66 16.65
CA MET G 66 7.04 -3.01 16.84
C MET G 66 6.33 -1.97 17.66
N GLU G 67 7.02 -1.07 18.38
CA GLU G 67 6.35 -0.01 19.11
C GLU G 67 7.31 1.13 19.34
N VAL G 68 6.85 2.36 19.11
CA VAL G 68 7.58 3.59 19.49
C VAL G 68 6.76 4.28 20.54
N SER G 69 7.39 4.62 21.68
CA SER G 69 6.65 5.38 22.69
C SER G 69 7.55 6.45 23.24
N GLY G 70 6.94 7.30 24.08
CA GLY G 70 7.75 8.35 24.61
C GLY G 70 6.92 9.25 25.49
N TYR G 71 7.49 10.43 25.76
CA TYR G 71 6.78 11.46 26.52
C TYR G 71 6.98 12.83 25.86
N THR G 72 5.97 13.69 25.87
CA THR G 72 6.18 15.08 25.51
C THR G 72 6.00 15.90 26.77
N GLY G 73 6.60 17.10 26.79
CA GLY G 73 6.52 17.89 28.02
C GLY G 73 7.15 19.23 27.74
N ASN G 74 7.05 20.11 28.74
CA ASN G 74 7.61 21.45 28.58
C ASN G 74 9.02 21.55 29.06
N VAL G 75 9.91 22.07 28.18
CA VAL G 75 11.30 22.28 28.59
C VAL G 75 11.64 23.71 28.25
N SER G 76 11.99 24.45 29.30
CA SER G 76 12.26 25.89 29.13
C SER G 76 11.21 26.67 28.35
N GLY G 77 9.94 26.29 28.52
CA GLY G 77 8.91 26.99 27.79
C GLY G 77 8.44 26.38 26.48
N TYR G 78 9.04 25.26 26.06
CA TYR G 78 8.73 24.71 24.77
C TYR G 78 8.26 23.30 24.96
N VAL G 79 7.24 22.95 24.19
CA VAL G 79 6.80 21.55 24.20
C VAL G 79 7.72 20.80 23.26
N VAL G 80 8.31 19.73 23.82
CA VAL G 80 9.30 18.91 23.12
C VAL G 80 9.12 17.42 23.48
N VAL G 81 9.79 16.59 22.69
CA VAL G 81 9.86 15.19 22.96
C VAL G 81 10.96 14.92 23.97
N ARG G 82 10.51 14.57 25.19
CA ARG G 82 11.43 14.34 26.34
C ARG G 82 12.10 13.01 26.42
N SER G 83 11.39 12.00 25.86
CA SER G 83 11.77 10.64 26.03
C SER G 83 11.33 9.85 24.80
N LEU G 84 12.12 8.87 24.39
CA LEU G 84 11.75 7.89 23.37
C LEU G 84 12.08 6.51 23.82
N THR G 85 11.25 5.53 23.44
CA THR G 85 11.57 4.10 23.61
C THR G 85 11.25 3.37 22.30
N PHE G 86 12.09 2.42 21.88
CA PHE G 86 11.87 1.62 20.68
C PHE G 86 11.82 0.17 21.04
N LYS G 87 10.66 -0.44 20.91
CA LYS G 87 10.58 -1.88 21.18
C LYS G 87 10.60 -2.62 19.86
N THR G 88 11.46 -3.63 19.74
CA THR G 88 11.47 -4.47 18.55
C THR G 88 10.91 -5.84 18.87
N ASN G 89 10.88 -6.68 17.86
CA ASN G 89 10.52 -8.07 18.11
C ASN G 89 11.60 -8.81 18.90
N LYS G 90 12.77 -8.22 19.11
CA LYS G 90 13.86 -8.88 19.89
C LYS G 90 14.07 -8.32 21.27
N LYS G 91 14.00 -6.99 21.43
CA LYS G 91 14.42 -6.34 22.67
C LYS G 91 13.76 -4.97 22.73
N THR G 92 13.94 -4.32 23.85
CA THR G 92 13.49 -2.95 24.03
C THR G 92 14.69 -2.04 24.24
N TYR G 93 14.74 -0.95 23.49
CA TYR G 93 15.80 0.06 23.55
C TYR G 93 15.18 1.33 24.16
N GLY G 94 15.62 1.67 25.38
CA GLY G 94 15.19 2.87 26.05
C GLY G 94 14.53 2.47 27.36
N PRO G 95 13.82 3.39 27.99
CA PRO G 95 13.66 4.78 27.57
C PRO G 95 14.95 5.59 27.59
N TYR G 96 15.03 6.53 26.64
CA TYR G 96 16.12 7.46 26.53
C TYR G 96 15.53 8.78 26.83
N GLY G 97 16.07 9.38 27.88
CA GLY G 97 15.53 10.66 28.26
C GLY G 97 14.38 10.55 29.23
N VAL G 98 14.06 11.70 29.77
CA VAL G 98 13.28 11.73 30.96
C VAL G 98 11.83 11.30 30.72
N THR G 99 11.45 10.30 31.46
CA THR G 99 10.19 9.66 31.31
C THR G 99 9.13 10.36 32.11
N SER G 100 8.94 11.65 31.84
CA SER G 100 7.93 12.43 32.52
C SER G 100 7.20 13.40 31.62
N GLY G 101 5.93 13.60 31.85
CA GLY G 101 5.09 14.49 31.06
C GLY G 101 3.87 13.75 30.50
N THR G 102 3.46 14.05 29.26
CA THR G 102 2.32 13.41 28.56
C THR G 102 2.84 12.21 27.75
N PRO G 103 2.46 10.96 28.14
CA PRO G 103 2.90 9.81 27.32
C PRO G 103 2.21 9.78 25.96
N PHE G 104 2.92 9.16 24.98
CA PHE G 104 2.27 8.77 23.71
C PHE G 104 2.89 7.40 23.34
N ASN G 105 2.20 6.67 22.48
CA ASN G 105 2.71 5.37 22.05
C ASN G 105 2.04 4.94 20.75
N LEU G 106 2.86 4.33 19.89
CA LEU G 106 2.40 3.81 18.62
C LEU G 106 2.87 2.38 18.57
N PRO G 107 2.03 1.46 19.00
CA PRO G 107 2.29 0.07 18.72
C PRO G 107 1.86 -0.27 17.30
N ILE G 108 2.53 -1.26 16.70
CA ILE G 108 2.23 -1.58 15.29
C ILE G 108 1.96 -3.08 15.35
N GLU G 109 0.74 -3.44 14.97
CA GLU G 109 0.35 -4.82 14.85
C GLU G 109 0.77 -5.43 13.53
N ASN G 110 0.70 -4.67 12.46
CA ASN G 110 1.15 -5.12 11.17
C ASN G 110 1.67 -3.96 10.38
N GLY G 111 2.87 -4.11 9.80
CA GLY G 111 3.48 -3.05 9.04
C GLY G 111 4.77 -2.61 9.67
N LEU G 112 5.39 -1.61 9.03
CA LEU G 112 6.78 -1.23 9.34
C LEU G 112 6.92 0.27 9.36
N ILE G 113 7.71 0.81 10.26
CA ILE G 113 8.15 2.18 10.14
C ILE G 113 9.26 2.28 9.08
N VAL G 114 9.04 3.21 8.12
CA VAL G 114 9.98 3.30 7.00
C VAL G 114 10.51 4.69 6.79
N GLY G 115 10.29 5.61 7.74
CA GLY G 115 10.80 6.95 7.56
C GLY G 115 10.45 7.82 8.77
N PHE G 116 11.16 8.94 8.92
CA PHE G 116 10.89 9.89 9.99
C PHE G 116 10.92 11.29 9.42
N LYS G 117 10.15 12.14 10.06
CA LYS G 117 10.20 13.56 9.77
C LYS G 117 9.90 14.27 11.09
N GLY G 118 10.18 15.59 11.17
CA GLY G 118 10.04 16.21 12.47
C GLY G 118 10.67 17.58 12.45
N SER G 119 11.07 18.03 13.63
CA SER G 119 11.73 19.35 13.72
C SER G 119 12.56 19.30 15.00
N ILE G 120 13.77 19.89 14.90
CA ILE G 120 14.67 19.93 16.06
C ILE G 120 15.23 21.38 16.22
N GLY G 121 15.08 21.88 17.42
CA GLY G 121 15.66 23.23 17.80
C GLY G 121 16.76 22.93 18.80
N TYR G 122 16.58 23.45 19.99
CA TYR G 122 17.39 22.97 21.05
C TYR G 122 17.09 21.49 21.25
N TRP G 123 15.81 21.10 21.08
CA TRP G 123 15.42 19.70 21.37
C TRP G 123 14.53 19.27 20.24
N LEU G 124 14.25 17.95 20.19
CA LEU G 124 13.25 17.43 19.17
C LEU G 124 11.88 18.02 19.54
N ASP G 125 11.38 18.89 18.64
CA ASP G 125 10.08 19.60 18.84
C ASP G 125 8.93 18.62 18.67
N TYR G 126 9.03 17.84 17.60
CA TYR G 126 7.93 16.90 17.26
C TYR G 126 8.46 15.96 16.21
N PHE G 127 7.76 14.84 15.99
CA PHE G 127 8.13 13.98 14.89
C PHE G 127 6.88 13.22 14.40
N SER G 128 7.06 12.68 13.19
CA SER G 128 6.09 11.75 12.63
C SER G 128 6.80 10.60 11.99
N MET G 129 6.04 9.56 11.65
CA MET G 129 6.60 8.37 11.07
C MET G 129 5.85 7.92 9.87
N TYR G 130 6.62 7.53 8.87
CA TYR G 130 6.08 6.93 7.63
C TYR G 130 5.86 5.46 7.91
N LEU G 131 4.69 4.89 7.56
CA LEU G 131 4.44 3.47 7.77
C LEU G 131 4.10 2.82 6.45
N SER G 132 4.55 1.60 6.27
CA SER G 132 4.20 0.80 5.08
C SER G 132 4.11 -0.67 5.38
N LEU G 133 3.51 -1.44 4.50
CA LEU G 133 3.73 -2.89 4.49
C LEU G 133 5.10 -3.18 3.80
N SER H 3 -0.10 12.71 -9.07
CA SER H 3 1.16 13.08 -9.78
C SER H 3 2.11 11.88 -9.90
N GLY H 4 3.35 12.18 -10.27
CA GLY H 4 4.38 11.15 -10.34
C GLY H 4 5.07 10.77 -9.05
N ILE H 5 4.59 11.25 -7.89
CA ILE H 5 5.31 10.95 -6.64
C ILE H 5 4.48 9.94 -5.86
N SER H 6 5.13 8.83 -5.50
CA SER H 6 4.52 7.74 -4.68
C SER H 6 4.21 8.26 -3.29
N GLN H 7 3.14 7.75 -2.71
CA GLN H 7 2.64 8.21 -1.37
C GLN H 7 2.77 7.08 -0.37
N THR H 8 2.83 7.52 0.90
CA THR H 8 2.97 6.62 2.01
C THR H 8 2.06 7.11 3.17
N VAL H 9 1.58 6.16 3.99
CA VAL H 9 0.89 6.54 5.27
C VAL H 9 1.89 7.26 6.18
N ILE H 10 1.44 8.34 6.82
CA ILE H 10 2.26 9.03 7.85
C ILE H 10 1.43 9.24 9.08
N VAL H 11 1.94 8.77 10.23
CA VAL H 11 1.26 9.01 11.51
C VAL H 11 2.06 10.02 12.30
N GLY H 12 1.36 10.78 13.13
CA GLY H 12 2.01 11.88 13.86
C GLY H 12 1.37 13.18 13.39
N PRO H 13 1.88 14.31 13.89
CA PRO H 13 3.07 14.42 14.71
C PRO H 13 2.79 14.28 16.20
N TRP H 14 3.75 13.80 16.96
CA TRP H 14 3.73 13.92 18.40
C TRP H 14 4.74 14.94 18.84
N GLY H 15 4.38 15.77 19.83
CA GLY H 15 5.28 16.85 20.34
C GLY H 15 4.59 18.19 20.20
N ALA H 16 5.34 19.26 19.88
CA ALA H 16 4.78 20.61 19.70
C ALA H 16 3.85 20.74 18.51
N LYS H 17 2.94 21.70 18.57
CA LYS H 17 2.20 22.13 17.38
C LYS H 17 3.15 22.55 16.21
C1 147 I . -22.58 -4.68 -28.59
C2 147 I . -22.32 -3.27 -27.99
O2 147 I . -23.20 -2.24 -28.55
C3 147 I . -20.87 -2.83 -28.19
O3 147 I . -20.66 -1.62 -27.43
C4 147 I . -19.90 -4.00 -27.67
O4 147 I . -20.15 -4.06 -26.28
C5 147 I . -20.34 -5.38 -28.36
C6 147 I . -19.31 -6.52 -28.24
O6 147 I . -19.33 -7.15 -26.94
O5 147 I . -21.69 -5.74 -28.00
O1 147 I . -24.00 -4.94 -28.47
C1 EDO J . -16.38 -26.79 -11.06
O1 EDO J . -16.24 -26.14 -9.78
C2 EDO J . -17.58 -27.74 -11.02
O2 EDO J . -18.80 -27.01 -11.22
C1 EDO K . -17.12 -8.67 6.11
O1 EDO K . -16.80 -9.86 6.86
C2 EDO K . -16.31 -7.49 6.66
O2 EDO K . -16.25 -7.53 8.12
C1 EDO L . -19.11 -14.75 -35.70
O1 EDO L . -19.30 -13.33 -35.70
C2 EDO L . -20.21 -15.43 -34.90
O2 EDO L . -20.59 -14.59 -33.80
C1 EDO M . -20.23 -18.88 -1.88
O1 EDO M . -20.98 -17.91 -2.58
C2 EDO M . -20.38 -18.64 -0.39
O2 EDO M . -19.54 -19.59 0.31
C1 EDO N . -22.11 -3.17 -10.72
O1 EDO N . -22.09 -4.55 -10.34
C2 EDO N . -20.81 -2.93 -11.33
O2 EDO N . -20.55 -1.59 -11.15
C1 IPA O . -8.19 -8.25 -34.51
C2 IPA O . -7.02 -9.24 -34.37
C3 IPA O . -6.08 -9.01 -33.17
O2 IPA O . -7.63 -10.51 -34.25
C1 EDO P . 25.44 -11.23 -31.88
O1 EDO P . 26.61 -10.86 -31.13
C2 EDO P . 25.12 -10.20 -32.96
O2 EDO P . 24.87 -8.90 -32.39
C1 EDO Q . 13.28 2.25 -33.22
O1 EDO Q . 13.65 1.16 -34.05
C2 EDO Q . 14.54 3.01 -32.87
O2 EDO Q . 14.63 4.19 -33.70
C1 EDO R . 26.93 3.54 -31.38
O1 EDO R . 26.78 3.70 -32.82
C2 EDO R . 26.32 4.72 -30.61
O2 EDO R . 25.25 5.35 -31.34
C1 EDO S . 22.38 9.44 -24.22
O1 EDO S . 23.49 9.36 -23.33
C2 EDO S . 21.99 10.90 -24.40
O2 EDO S . 21.45 11.03 -25.71
C1 EDO T . 6.71 -7.57 9.97
O1 EDO T . 6.25 -8.11 8.71
C2 EDO T . 5.84 -6.36 10.36
O2 EDO T . 4.41 -6.62 10.25
C1 147 U . -15.36 -7.85 32.59
C2 147 U . -14.77 -9.05 31.79
O2 147 U . -14.86 -10.31 32.48
C3 147 U . -13.30 -8.75 31.45
O3 147 U . -12.85 -9.72 30.54
C4 147 U . -13.21 -7.36 30.73
O4 147 U . -13.69 -7.56 29.39
C5 147 U . -14.03 -6.31 31.59
C6 147 U . -13.93 -4.86 31.12
O6 147 U . -14.64 -4.67 29.93
O5 147 U . -15.43 -6.64 31.66
O1 147 U . -16.70 -8.12 33.17
C1' 147 U . -17.06 -7.45 34.32
C2' 147 U . -16.50 -6.19 34.70
C3' 147 U . -16.92 -5.56 35.88
C4' 147 U . -17.91 -6.16 36.66
C5' 147 U . -18.48 -7.39 36.27
C6' 147 U . -18.05 -8.02 35.11
N1' 147 U . -18.35 -5.60 37.78
O2' 147 U . -19.15 -6.44 38.73
O3' 147 U . -18.15 -4.28 37.95
C1 147 V . 14.03 27.05 20.48
C2 147 V . 13.53 27.34 19.11
O2 147 V . 13.61 28.80 18.79
C3 147 V . 12.11 26.89 19.20
O3 147 V . 11.45 27.07 17.95
C4 147 V . 12.02 25.37 19.55
O4 147 V . 12.54 24.65 18.40
C5 147 V . 12.92 25.20 20.76
C6 147 V . 12.92 23.83 21.43
O6 147 V . 13.59 22.84 20.67
O5 147 V . 14.22 25.60 20.50
O1 147 V . 15.24 27.61 20.67
C1' 147 V . 15.54 27.93 21.97
C2' 147 V . 16.10 29.18 22.24
C3' 147 V . 16.41 29.51 23.57
C4' 147 V . 16.20 28.57 24.58
C5' 147 V . 15.65 27.32 24.32
C6' 147 V . 15.32 27.00 23.02
N1' 147 V . 16.50 28.85 25.84
O2' 147 V . 15.41 29.39 26.72
O3' 147 V . 18.00 28.56 26.31
#